data_4J2F
#
_entry.id   4J2F
#
_cell.length_a   92.556
_cell.length_b   112.438
_cell.length_c   54.408
_cell.angle_alpha   90.00
_cell.angle_beta   90.00
_cell.angle_gamma   90.00
#
_symmetry.space_group_name_H-M   'C 2 2 2'
#
loop_
_entity.id
_entity.type
_entity.pdbx_description
1 polymer 'Glutathione s-transferase'
2 non-polymer GLYCEROL
3 water water
#
_entity_poly.entity_id   1
_entity_poly.type   'polypeptide(L)'
_entity_poly.pdbx_seq_one_letter_code
;MAEVLKLHGAWPSPFSCRVIWALKLKGIPYEYVEEDLFNKSPLLLQYNPVHKKIPVLVHGGKPICESTIILEYLDETWPE
NPLLPSDPHERAVARFWVKFIEDKGTAIWNIFRTKGEELEKAVKNCLEVLKTIEEHAMGVSDDKYFGGDKIGIVDIAFCG
IAHWLGVIEEVAGVKVLESQKFPRLHAWTENFKEAPIIKENLPDRDQMTAFFKRRREMILASA
;
_entity_poly.pdbx_strand_id   A
#
loop_
_chem_comp.id
_chem_comp.type
_chem_comp.name
_chem_comp.formula
GOL non-polymer GLYCEROL 'C3 H8 O3'
#
# COMPACT_ATOMS: atom_id res chain seq x y z
N GLU A 3 19.74 3.75 -18.32
CA GLU A 3 18.66 2.76 -18.55
C GLU A 3 17.33 3.45 -18.27
N VAL A 4 16.40 3.32 -19.21
CA VAL A 4 15.07 3.92 -19.06
C VAL A 4 14.26 3.17 -18.01
N LEU A 5 13.68 3.93 -17.09
CA LEU A 5 12.88 3.36 -16.03
C LEU A 5 11.42 3.76 -16.16
N LYS A 6 10.55 2.78 -16.35
CA LYS A 6 9.13 3.08 -16.48
C LYS A 6 8.34 2.34 -15.40
N LEU A 7 7.40 3.07 -14.78
CA LEU A 7 6.48 2.48 -13.85
C LEU A 7 5.10 2.48 -14.46
N HIS A 8 4.60 1.27 -14.68
CA HIS A 8 3.22 1.05 -15.10
C HIS A 8 2.30 0.91 -13.88
N GLY A 9 1.30 1.78 -13.79
CA GLY A 9 0.51 1.88 -12.57
C GLY A 9 -0.94 2.24 -12.87
N ALA A 10 -1.70 2.40 -11.79
CA ALA A 10 -2.99 3.01 -11.90
C ALA A 10 -3.22 3.93 -10.73
N TRP A 11 -3.74 5.13 -11.00
CA TRP A 11 -3.62 6.22 -10.05
C TRP A 11 -4.29 5.91 -8.71
N PRO A 12 -5.40 5.14 -8.71
CA PRO A 12 -6.03 4.90 -7.40
C PRO A 12 -5.53 3.63 -6.68
N SER A 13 -4.53 2.94 -7.22
CA SER A 13 -4.09 1.68 -6.63
C SER A 13 -3.16 1.91 -5.44
N PRO A 14 -3.45 1.26 -4.30
CA PRO A 14 -2.42 1.36 -3.28
C PRO A 14 -1.09 0.74 -3.71
N PHE A 15 -1.13 -0.27 -4.58
CA PHE A 15 0.07 -1.07 -4.87
C PHE A 15 1.03 -0.31 -5.76
N SER A 16 0.47 0.43 -6.71
CA SER A 16 1.20 1.33 -7.61
C SER A 16 1.80 2.50 -6.79
N CYS A 17 0.99 2.98 -5.85
CA CYS A 17 1.40 4.12 -5.01
C CYS A 17 2.57 3.78 -4.10
N ARG A 18 2.67 2.51 -3.72
CA ARG A 18 3.81 2.07 -2.92
C ARG A 18 5.07 2.40 -3.68
N VAL A 19 5.06 2.03 -4.95
CA VAL A 19 6.25 2.16 -5.76
C VAL A 19 6.53 3.62 -6.08
N ILE A 20 5.49 4.40 -6.36
CA ILE A 20 5.66 5.85 -6.52
C ILE A 20 6.38 6.43 -5.30
N TRP A 21 5.85 6.11 -4.12
CA TRP A 21 6.48 6.58 -2.91
C TRP A 21 7.92 6.14 -2.79
N ALA A 22 8.21 4.88 -3.06
CA ALA A 22 9.57 4.37 -2.94
C ALA A 22 10.52 5.07 -3.91
N LEU A 23 10.06 5.25 -5.14
CA LEU A 23 10.83 5.99 -6.13
C LEU A 23 11.06 7.42 -5.66
N LYS A 24 10.00 8.06 -5.17
CA LYS A 24 10.13 9.46 -4.74
C LYS A 24 10.96 9.65 -3.46
N LEU A 25 10.90 8.70 -2.53
CA LEU A 25 11.74 8.77 -1.32
C LEU A 25 13.23 8.66 -1.64
N LYS A 26 13.53 7.94 -2.72
CA LYS A 26 14.92 7.82 -3.15
C LYS A 26 15.26 8.89 -4.19
N GLY A 27 14.25 9.54 -4.75
CA GLY A 27 14.47 10.51 -5.82
C GLY A 27 14.98 9.91 -7.10
N ILE A 28 14.46 8.73 -7.45
CA ILE A 28 14.83 8.10 -8.70
C ILE A 28 13.91 8.61 -9.79
N PRO A 29 14.50 9.13 -10.89
CA PRO A 29 13.66 9.53 -12.02
C PRO A 29 12.98 8.33 -12.67
N TYR A 30 11.76 8.54 -13.17
CA TYR A 30 11.08 7.50 -13.91
C TYR A 30 10.02 8.12 -14.79
N GLU A 31 9.57 7.33 -15.74
CA GLU A 31 8.44 7.70 -16.55
C GLU A 31 7.26 6.88 -16.04
N TYR A 32 6.11 7.52 -15.84
CA TYR A 32 4.93 6.85 -15.34
C TYR A 32 4.04 6.56 -16.53
N VAL A 33 3.38 5.41 -16.50
CA VAL A 33 2.45 4.99 -17.53
C VAL A 33 1.18 4.47 -16.84
N GLU A 34 0.06 5.12 -17.14
CA GLU A 34 -1.21 4.68 -16.57
C GLU A 34 -1.71 3.49 -17.36
N GLU A 35 -2.18 2.45 -16.66
CA GLU A 35 -2.74 1.28 -17.30
C GLU A 35 -4.24 1.15 -16.99
N ASP A 36 -5.04 1.05 -18.04
CA ASP A 36 -6.42 0.66 -17.85
C ASP A 36 -6.51 -0.75 -17.32
N LEU A 37 -7.49 -1.00 -16.47
CA LEU A 37 -7.63 -2.30 -15.83
C LEU A 37 -8.84 -3.09 -16.29
N PHE A 38 -9.75 -2.46 -17.02
CA PHE A 38 -10.89 -3.17 -17.63
C PHE A 38 -10.46 -3.79 -18.95
N ASN A 39 -9.80 -2.99 -19.79
CA ASN A 39 -9.29 -3.46 -21.08
C ASN A 39 -7.78 -3.28 -21.06
N LYS A 40 -7.07 -4.36 -20.78
CA LYS A 40 -5.64 -4.30 -20.51
C LYS A 40 -4.81 -4.16 -21.79
N SER A 41 -3.69 -3.46 -21.68
CA SER A 41 -2.82 -3.22 -22.80
C SER A 41 -2.00 -4.47 -23.13
N PRO A 42 -1.53 -4.53 -24.37
CA PRO A 42 -0.68 -5.65 -24.74
C PRO A 42 0.62 -5.64 -23.94
N LEU A 43 1.12 -4.48 -23.56
CA LEU A 43 2.36 -4.42 -22.80
C LEU A 43 2.19 -4.98 -21.39
N LEU A 44 1.09 -4.62 -20.74
CA LEU A 44 0.82 -5.15 -19.41
C LEU A 44 0.79 -6.65 -19.47
N LEU A 45 0.09 -7.19 -20.47
CA LEU A 45 -0.11 -8.64 -20.57
C LEU A 45 1.19 -9.34 -20.95
N GLN A 46 1.99 -8.66 -21.76
CA GLN A 46 3.33 -9.16 -22.08
C GLN A 46 4.23 -9.16 -20.85
N TYR A 47 4.20 -8.07 -20.09
CA TYR A 47 5.07 -7.92 -18.95
C TYR A 47 4.69 -8.78 -17.75
N ASN A 48 3.39 -8.98 -17.54
CA ASN A 48 2.93 -9.72 -16.41
C ASN A 48 1.96 -10.80 -16.85
N PRO A 49 2.48 -11.82 -17.53
CA PRO A 49 1.58 -12.82 -18.08
C PRO A 49 0.94 -13.66 -17.00
N VAL A 50 1.59 -13.75 -15.84
CA VAL A 50 1.08 -14.58 -14.77
C VAL A 50 -0.10 -13.95 -14.03
N HIS A 51 0.02 -12.70 -13.60
CA HIS A 51 -1.08 -12.09 -12.86
C HIS A 51 -1.81 -10.99 -13.60
N LYS A 52 -1.17 -10.38 -14.59
CA LYS A 52 -1.80 -9.36 -15.42
C LYS A 52 -2.16 -8.10 -14.64
N LYS A 53 -1.40 -7.76 -13.61
CA LYS A 53 -1.72 -6.68 -12.67
C LYS A 53 -0.60 -5.64 -12.70
N ILE A 54 -0.95 -4.44 -12.25
CA ILE A 54 0.00 -3.37 -11.96
C ILE A 54 0.23 -3.38 -10.46
N PRO A 55 1.36 -2.86 -9.99
CA PRO A 55 2.41 -2.21 -10.76
C PRO A 55 3.31 -3.17 -11.51
N VAL A 56 3.85 -2.69 -12.63
CA VAL A 56 5.07 -3.25 -13.15
C VAL A 56 6.09 -2.14 -13.30
N LEU A 57 7.26 -2.42 -12.76
CA LEU A 57 8.44 -1.58 -13.00
C LEU A 57 9.27 -2.19 -14.13
N VAL A 58 9.61 -1.36 -15.10
CA VAL A 58 10.38 -1.81 -16.27
C VAL A 58 11.66 -1.01 -16.36
N HIS A 59 12.79 -1.69 -16.16
CA HIS A 59 14.11 -1.10 -16.25
C HIS A 59 14.89 -1.68 -17.43
N GLY A 60 15.38 -0.80 -18.29
CA GLY A 60 16.05 -1.24 -19.51
C GLY A 60 15.23 -2.26 -20.27
N GLY A 61 13.92 -2.08 -20.30
CA GLY A 61 13.04 -2.99 -21.03
C GLY A 61 12.75 -4.32 -20.34
N LYS A 62 13.28 -4.50 -19.14
CA LYS A 62 13.06 -5.73 -18.39
C LYS A 62 12.09 -5.45 -17.25
N PRO A 63 10.96 -6.15 -17.25
CA PRO A 63 9.90 -5.96 -16.28
C PRO A 63 10.08 -6.71 -14.95
N ILE A 64 9.64 -6.06 -13.88
CA ILE A 64 9.61 -6.64 -12.55
C ILE A 64 8.20 -6.44 -11.99
N CYS A 65 7.58 -7.55 -11.64
CA CYS A 65 6.20 -7.57 -11.12
C CYS A 65 6.22 -7.71 -9.61
N GLU A 66 5.12 -7.31 -8.97
CA GLU A 66 4.89 -7.38 -7.51
C GLU A 66 5.48 -6.18 -6.79
N SER A 67 4.58 -5.37 -6.24
CA SER A 67 5.00 -4.14 -5.57
C SER A 67 6.09 -4.38 -4.50
N THR A 68 5.92 -5.41 -3.67
CA THR A 68 6.86 -5.66 -2.56
C THR A 68 8.22 -6.09 -3.09
N ILE A 69 8.19 -6.83 -4.19
CA ILE A 69 9.40 -7.31 -4.81
C ILE A 69 10.07 -6.16 -5.53
N ILE A 70 9.28 -5.28 -6.12
CA ILE A 70 9.83 -4.06 -6.69
C ILE A 70 10.54 -3.24 -5.62
N LEU A 71 9.93 -3.09 -4.46
CA LEU A 71 10.60 -2.31 -3.39
C LEU A 71 11.97 -2.87 -3.05
N GLU A 72 12.07 -4.20 -2.91
CA GLU A 72 13.36 -4.83 -2.63
C GLU A 72 14.36 -4.60 -3.77
N TYR A 73 13.88 -4.69 -5.00
CA TYR A 73 14.76 -4.41 -6.15
C TYR A 73 15.30 -2.97 -6.12
N LEU A 74 14.43 -2.01 -5.80
CA LEU A 74 14.90 -0.63 -5.65
C LEU A 74 15.97 -0.50 -4.58
N ASP A 75 15.84 -1.21 -3.46
CA ASP A 75 16.82 -1.12 -2.40
C ASP A 75 18.16 -1.68 -2.83
N GLU A 76 18.15 -2.81 -3.55
CA GLU A 76 19.36 -3.45 -4.04
C GLU A 76 20.04 -2.65 -5.15
N THR A 77 19.28 -1.95 -5.99
CA THR A 77 19.88 -1.25 -7.12
C THR A 77 20.23 0.21 -6.83
N TRP A 78 19.55 0.81 -5.84
CA TRP A 78 19.78 2.19 -5.40
C TRP A 78 19.85 2.20 -3.88
N PRO A 79 21.00 1.82 -3.32
CA PRO A 79 21.07 1.61 -1.88
C PRO A 79 20.88 2.86 -1.04
N GLU A 80 21.00 4.06 -1.61
CA GLU A 80 20.83 5.28 -0.81
C GLU A 80 19.39 5.32 -0.28
N ASN A 81 19.23 5.68 0.99
CA ASN A 81 17.90 5.78 1.59
C ASN A 81 17.21 4.42 1.52
N PRO A 82 17.77 3.42 2.21
CA PRO A 82 17.17 2.09 2.26
C PRO A 82 15.82 2.09 2.93
N LEU A 83 14.89 1.32 2.35
CA LEU A 83 13.62 1.03 2.95
C LEU A 83 13.72 -0.15 3.91
N LEU A 84 14.71 -1.02 3.71
CA LEU A 84 14.87 -2.18 4.57
C LEU A 84 15.84 -1.82 5.68
N PRO A 85 15.55 -2.27 6.90
CA PRO A 85 16.55 -2.33 7.96
C PRO A 85 17.81 -3.02 7.52
N SER A 86 18.93 -2.61 8.12
CA SER A 86 20.25 -3.13 7.80
C SER A 86 20.56 -4.43 8.54
N ASP A 87 20.05 -4.56 9.76
CA ASP A 87 20.30 -5.74 10.58
C ASP A 87 19.50 -6.95 10.06
N PRO A 88 20.13 -8.12 9.99
CA PRO A 88 19.34 -9.16 9.32
C PRO A 88 18.12 -9.61 10.10
N HIS A 89 18.23 -9.71 11.43
CA HIS A 89 17.06 -10.02 12.23
C HIS A 89 15.97 -8.99 12.01
N GLU A 90 16.31 -7.70 12.01
CA GLU A 90 15.27 -6.66 11.87
C GLU A 90 14.65 -6.69 10.47
N ARG A 91 15.46 -7.00 9.45
CA ARG A 91 14.95 -7.16 8.08
C ARG A 91 13.90 -8.27 8.06
N ALA A 92 14.27 -9.39 8.68
CA ALA A 92 13.38 -10.56 8.75
C ALA A 92 12.04 -10.22 9.38
N VAL A 93 12.05 -9.47 10.47
CA VAL A 93 10.79 -9.06 11.10
C VAL A 93 10.01 -8.10 10.21
N ALA A 94 10.69 -7.17 9.57
CA ALA A 94 10.03 -6.29 8.60
C ALA A 94 9.43 -7.06 7.41
N ARG A 95 10.21 -8.01 6.88
CA ARG A 95 9.67 -8.88 5.82
C ARG A 95 8.43 -9.66 6.30
N PHE A 96 8.45 -10.08 7.56
CA PHE A 96 7.27 -10.77 8.11
C PHE A 96 6.02 -9.92 8.00
N TRP A 97 6.10 -8.63 8.34
CA TRP A 97 4.89 -7.80 8.34
C TRP A 97 4.45 -7.39 6.96
N VAL A 98 5.42 -7.27 6.05
CA VAL A 98 5.12 -7.07 4.63
C VAL A 98 4.36 -8.26 4.05
N LYS A 99 4.87 -9.45 4.30
CA LYS A 99 4.18 -10.68 3.88
C LYS A 99 2.79 -10.74 4.55
N PHE A 100 2.74 -10.43 5.84
CA PHE A 100 1.46 -10.50 6.55
C PHE A 100 0.39 -9.62 5.88
N ILE A 101 0.72 -8.36 5.59
CA ILE A 101 -0.25 -7.47 4.99
C ILE A 101 -0.58 -7.88 3.55
N GLU A 102 0.39 -8.45 2.86
CA GLU A 102 0.11 -9.07 1.55
C GLU A 102 -0.90 -10.23 1.68
N ASP A 103 -0.65 -11.14 2.62
CA ASP A 103 -1.57 -12.25 2.89
C ASP A 103 -2.97 -11.83 3.35
N LYS A 104 -3.08 -10.75 4.13
CA LYS A 104 -4.36 -10.38 4.72
C LYS A 104 -5.06 -9.23 4.01
N GLY A 105 -4.48 -8.73 2.92
CA GLY A 105 -4.89 -7.44 2.37
C GLY A 105 -6.31 -7.45 1.84
N THR A 106 -6.78 -8.64 1.50
CA THR A 106 -8.19 -8.84 1.15
C THR A 106 -9.18 -8.31 2.20
N ALA A 107 -8.72 -8.15 3.45
CA ALA A 107 -9.64 -7.85 4.54
C ALA A 107 -10.03 -6.37 4.50
N ILE A 108 -9.21 -5.58 3.82
CA ILE A 108 -9.61 -4.25 3.47
C ILE A 108 -10.61 -4.32 2.32
N TRP A 109 -10.27 -5.06 1.28
CA TRP A 109 -10.92 -4.86 0.01
C TRP A 109 -12.28 -5.55 -0.03
N ASN A 110 -12.57 -6.37 0.97
CA ASN A 110 -13.85 -7.08 1.01
C ASN A 110 -14.95 -6.23 1.62
N ILE A 111 -14.58 -5.36 2.56
CA ILE A 111 -15.50 -4.32 2.99
C ILE A 111 -16.00 -3.53 1.79
N PHE A 112 -15.08 -3.24 0.87
CA PHE A 112 -15.40 -2.37 -0.24
C PHE A 112 -16.53 -2.94 -1.11
N ARG A 113 -16.64 -4.26 -1.17
CA ARG A 113 -17.51 -4.86 -2.19
C ARG A 113 -18.56 -5.79 -1.63
N THR A 114 -19.06 -5.49 -0.43
CA THR A 114 -20.05 -6.34 0.22
C THR A 114 -21.11 -5.50 0.94
N LYS A 115 -22.29 -6.09 1.12
CA LYS A 115 -23.34 -5.44 1.88
C LYS A 115 -23.96 -6.36 2.93
N GLY A 116 -24.73 -5.78 3.83
CA GLY A 116 -25.62 -6.54 4.70
C GLY A 116 -24.85 -7.39 5.69
N GLU A 117 -24.89 -8.70 5.49
CA GLU A 117 -24.37 -9.66 6.46
C GLU A 117 -22.96 -10.09 6.07
N GLU A 118 -22.66 -10.07 4.78
CA GLU A 118 -21.31 -10.31 4.29
C GLU A 118 -20.42 -9.08 4.53
N LEU A 119 -21.01 -7.90 4.53
CA LEU A 119 -20.34 -6.68 4.97
C LEU A 119 -20.03 -6.76 6.47
N GLU A 120 -21.04 -7.09 7.27
CA GLU A 120 -20.83 -7.25 8.71
C GLU A 120 -19.73 -8.26 9.02
N LYS A 121 -19.54 -9.23 8.12
CA LYS A 121 -18.53 -10.26 8.34
C LYS A 121 -17.16 -9.77 7.93
N ALA A 122 -17.09 -9.02 6.82
CA ALA A 122 -15.83 -8.46 6.35
C ALA A 122 -15.25 -7.46 7.36
N VAL A 123 -16.14 -6.69 8.00
CA VAL A 123 -15.76 -5.73 9.03
C VAL A 123 -15.12 -6.49 10.20
N LYS A 124 -15.75 -7.61 10.57
CA LYS A 124 -15.22 -8.51 11.59
C LYS A 124 -13.84 -9.07 11.24
N ASN A 125 -13.64 -9.55 10.01
CA ASN A 125 -12.33 -10.06 9.61
C ASN A 125 -11.27 -8.94 9.64
N CYS A 126 -11.65 -7.77 9.17
CA CYS A 126 -10.75 -6.61 9.15
C CYS A 126 -10.30 -6.19 10.54
N LEU A 127 -11.25 -6.12 11.48
CA LEU A 127 -10.94 -5.81 12.86
C LEU A 127 -9.93 -6.79 13.48
N GLU A 128 -9.96 -8.06 13.09
CA GLU A 128 -9.01 -9.03 13.66
C GLU A 128 -7.60 -8.79 13.12
N VAL A 129 -7.49 -8.42 11.85
CA VAL A 129 -6.20 -8.08 11.24
C VAL A 129 -5.59 -6.86 11.93
N LEU A 130 -6.40 -5.81 12.11
CA LEU A 130 -5.96 -4.58 12.78
C LEU A 130 -5.47 -4.80 14.22
N LYS A 131 -6.24 -5.57 14.97
CA LYS A 131 -5.90 -6.03 16.32
C LYS A 131 -4.57 -6.79 16.36
N THR A 132 -4.38 -7.70 15.41
CA THR A 132 -3.12 -8.43 15.31
C THR A 132 -1.92 -7.49 15.08
N ILE A 133 -2.11 -6.50 14.23
CA ILE A 133 -1.06 -5.49 13.99
C ILE A 133 -0.85 -4.61 15.22
N GLU A 134 -1.96 -4.14 15.78
CA GLU A 134 -1.88 -3.31 16.97
C GLU A 134 -1.13 -3.99 18.11
N GLU A 135 -1.30 -5.31 18.23
CA GLU A 135 -0.83 -6.04 19.38
C GLU A 135 0.51 -6.71 19.14
N HIS A 136 0.91 -6.89 17.88
CA HIS A 136 2.15 -7.60 17.61
C HIS A 136 3.17 -6.87 16.75
N ALA A 137 2.73 -5.91 15.95
CA ALA A 137 3.60 -5.33 14.96
C ALA A 137 4.24 -4.01 15.42
N MET A 138 3.70 -3.40 16.47
CA MET A 138 4.15 -2.05 16.79
C MET A 138 5.37 -2.11 17.72
N GLY A 139 6.16 -1.04 17.76
CA GLY A 139 7.51 -1.11 18.30
C GLY A 139 7.58 -1.35 19.81
N VAL A 140 8.77 -1.70 20.30
CA VAL A 140 9.09 -1.54 21.72
C VAL A 140 9.78 -0.20 21.95
N SER A 141 9.39 0.80 21.16
CA SER A 141 10.20 2.00 20.98
C SER A 141 9.36 3.28 20.86
N ASP A 142 10.03 4.43 20.80
CA ASP A 142 9.35 5.71 20.67
C ASP A 142 9.41 6.22 19.23
N ASP A 143 9.62 5.31 18.27
CA ASP A 143 9.77 5.75 16.87
C ASP A 143 8.45 6.12 16.24
N LYS A 144 8.47 7.12 15.37
CA LYS A 144 7.34 7.53 14.55
C LYS A 144 6.88 6.43 13.60
N TYR A 145 7.85 5.77 12.95
CA TYR A 145 7.60 4.90 11.80
C TYR A 145 8.07 3.48 12.08
N PHE A 146 7.54 2.52 11.31
CA PHE A 146 8.04 1.15 11.39
C PHE A 146 9.53 1.13 11.02
N GLY A 147 9.97 2.05 10.16
CA GLY A 147 11.40 2.16 9.79
C GLY A 147 12.29 2.96 10.76
N GLY A 148 11.72 3.46 11.85
CA GLY A 148 12.49 4.23 12.83
C GLY A 148 12.23 5.73 12.77
N ASP A 149 13.28 6.52 12.54
CA ASP A 149 13.07 7.95 12.32
C ASP A 149 12.89 8.26 10.85
N LYS A 150 12.83 7.22 10.03
CA LYS A 150 12.53 7.41 8.61
C LYS A 150 11.61 6.31 8.08
N ILE A 151 11.00 6.56 6.93
CA ILE A 151 10.01 5.64 6.33
C ILE A 151 10.73 4.37 5.86
N GLY A 152 10.22 3.21 6.22
CA GLY A 152 10.72 1.94 5.74
C GLY A 152 9.67 1.07 5.05
N ILE A 153 10.08 -0.11 4.63
CA ILE A 153 9.26 -0.95 3.78
C ILE A 153 7.92 -1.33 4.43
N VAL A 154 7.90 -1.51 5.75
CA VAL A 154 6.66 -1.80 6.43
C VAL A 154 5.73 -0.59 6.42
N ASP A 155 6.27 0.60 6.57
CA ASP A 155 5.42 1.79 6.46
C ASP A 155 4.71 1.82 5.10
N ILE A 156 5.44 1.51 4.04
CA ILE A 156 4.93 1.63 2.70
C ILE A 156 3.91 0.52 2.50
N ALA A 157 4.24 -0.67 3.00
CA ALA A 157 3.40 -1.83 2.80
C ALA A 157 2.09 -1.61 3.51
N PHE A 158 2.12 -0.90 4.63
CA PHE A 158 0.88 -0.61 5.33
C PHE A 158 0.15 0.64 4.81
N CYS A 159 0.45 1.12 3.62
CA CYS A 159 -0.12 2.42 3.20
C CYS A 159 -1.63 2.27 2.97
N GLY A 160 -2.04 1.07 2.57
CA GLY A 160 -3.52 0.82 2.45
C GLY A 160 -4.29 1.15 3.71
N ILE A 161 -3.77 0.66 4.83
CA ILE A 161 -4.37 0.93 6.12
C ILE A 161 -4.39 2.42 6.42
N ALA A 162 -3.31 3.10 6.07
CA ALA A 162 -3.19 4.50 6.45
C ALA A 162 -4.16 5.42 5.70
N HIS A 163 -4.42 5.09 4.44
CA HIS A 163 -5.07 6.01 3.54
C HIS A 163 -6.30 5.42 2.86
N TRP A 164 -6.25 4.18 2.38
CA TRP A 164 -7.36 3.62 1.63
C TRP A 164 -8.48 3.10 2.52
N LEU A 165 -8.14 2.50 3.67
CA LEU A 165 -9.19 1.94 4.53
C LEU A 165 -10.22 2.97 4.94
N GLY A 166 -9.77 4.16 5.32
CA GLY A 166 -10.66 5.24 5.70
C GLY A 166 -11.62 5.66 4.59
N VAL A 167 -11.16 5.59 3.35
CA VAL A 167 -12.03 5.88 2.21
C VAL A 167 -13.10 4.80 2.07
N ILE A 168 -12.62 3.57 2.14
CA ILE A 168 -13.42 2.39 1.92
C ILE A 168 -14.43 2.26 3.06
N GLU A 169 -14.03 2.63 4.28
CA GLU A 169 -14.97 2.64 5.40
C GLU A 169 -16.11 3.58 5.07
N GLU A 170 -15.77 4.77 4.60
CA GLU A 170 -16.78 5.80 4.39
C GLU A 170 -17.67 5.40 3.21
N VAL A 171 -17.04 4.90 2.15
CA VAL A 171 -17.78 4.36 1.01
C VAL A 171 -18.73 3.20 1.37
N ALA A 172 -18.34 2.30 2.27
CA ALA A 172 -19.25 1.21 2.67
C ALA A 172 -20.16 1.55 3.84
N GLY A 173 -19.99 2.73 4.41
CA GLY A 173 -20.78 3.21 5.55
C GLY A 173 -20.51 2.49 6.86
N VAL A 174 -19.24 2.20 7.16
CA VAL A 174 -18.89 1.50 8.39
C VAL A 174 -17.74 2.21 9.08
N LYS A 175 -17.54 1.89 10.35
CA LYS A 175 -16.38 2.34 11.10
C LYS A 175 -15.58 1.11 11.44
N VAL A 176 -14.27 1.14 11.21
CA VAL A 176 -13.44 -0.02 11.52
C VAL A 176 -12.22 0.41 12.33
N LEU A 177 -11.40 1.26 11.75
CA LEU A 177 -10.14 1.65 12.39
C LEU A 177 -10.42 2.88 13.27
N GLU A 178 -10.84 2.64 14.50
CA GLU A 178 -11.21 3.72 15.41
C GLU A 178 -10.01 3.97 16.32
N SER A 179 -9.68 5.26 16.43
CA SER A 179 -8.47 5.70 17.10
C SER A 179 -8.40 5.10 18.50
N GLN A 180 -9.53 5.04 19.21
CA GLN A 180 -9.53 4.57 20.59
C GLN A 180 -9.35 3.04 20.69
N LYS A 181 -9.63 2.31 19.62
CA LYS A 181 -9.44 0.86 19.55
C LYS A 181 -8.00 0.48 19.15
N PHE A 182 -7.46 1.17 18.18
CA PHE A 182 -6.14 0.80 17.61
C PHE A 182 -5.27 2.05 17.69
N PRO A 183 -5.03 2.53 18.91
CA PRO A 183 -4.43 3.85 19.07
C PRO A 183 -3.02 3.94 18.50
N ARG A 184 -2.23 2.88 18.63
CA ARG A 184 -0.85 2.96 18.12
C ARG A 184 -0.88 2.93 16.60
N LEU A 185 -1.76 2.11 16.01
CA LEU A 185 -1.82 2.01 14.56
C LEU A 185 -2.38 3.31 14.02
N HIS A 186 -3.35 3.86 14.75
CA HIS A 186 -3.94 5.13 14.37
C HIS A 186 -2.91 6.25 14.34
N ALA A 187 -2.18 6.42 15.45
CA ALA A 187 -1.05 7.37 15.48
C ALA A 187 -0.10 7.20 14.30
N TRP A 188 0.27 5.95 14.04
CA TRP A 188 1.11 5.69 12.88
C TRP A 188 0.50 6.15 11.57
N THR A 189 -0.80 5.93 11.33
CA THR A 189 -1.39 6.37 10.08
C THR A 189 -1.22 7.87 9.90
N GLU A 190 -1.32 8.64 10.98
CA GLU A 190 -1.32 10.09 10.91
C GLU A 190 0.13 10.53 10.66
N ASN A 191 1.05 9.88 11.34
CA ASN A 191 2.47 10.21 11.19
C ASN A 191 2.99 9.87 9.80
N PHE A 192 2.56 8.71 9.28
CA PHE A 192 2.90 8.33 7.92
C PHE A 192 2.44 9.39 6.93
N LYS A 193 1.16 9.73 6.97
CA LYS A 193 0.58 10.62 5.98
C LYS A 193 1.10 12.06 6.04
N GLU A 194 1.69 12.44 7.17
CA GLU A 194 2.20 13.78 7.43
C GLU A 194 3.69 13.83 7.08
N ALA A 195 4.25 12.69 6.70
CA ALA A 195 5.66 12.64 6.33
C ALA A 195 5.92 13.33 5.00
N PRO A 196 6.98 14.13 4.93
CA PRO A 196 7.32 14.66 3.62
C PRO A 196 7.61 13.56 2.58
N ILE A 197 7.14 13.82 1.37
CA ILE A 197 7.21 12.91 0.24
C ILE A 197 5.95 12.03 0.19
N ILE A 198 5.61 11.41 1.32
CA ILE A 198 4.31 10.71 1.45
C ILE A 198 3.18 11.71 1.22
N LYS A 199 3.17 12.78 2.02
CA LYS A 199 2.08 13.75 1.96
C LYS A 199 1.81 14.34 0.57
N GLU A 200 2.89 14.63 -0.15
N GLU A 200 2.87 14.68 -0.15
CA GLU A 200 2.81 15.35 -1.42
CA GLU A 200 2.75 15.37 -1.43
C GLU A 200 2.41 14.40 -2.55
C GLU A 200 2.30 14.40 -2.53
N ASN A 201 2.27 13.11 -2.22
CA ASN A 201 2.02 12.08 -3.20
C ASN A 201 0.87 11.14 -2.82
N LEU A 202 0.04 11.63 -1.91
CA LEU A 202 -1.19 10.95 -1.51
C LEU A 202 -2.28 11.28 -2.53
N PRO A 203 -2.89 10.27 -3.17
CA PRO A 203 -4.01 10.66 -4.03
C PRO A 203 -5.17 11.27 -3.24
N ASP A 204 -5.86 12.25 -3.82
CA ASP A 204 -6.81 13.05 -3.08
C ASP A 204 -7.90 12.17 -2.48
N ARG A 205 -8.10 12.31 -1.17
CA ARG A 205 -9.11 11.54 -0.43
C ARG A 205 -10.54 11.66 -0.96
N ASP A 206 -11.02 12.89 -1.11
CA ASP A 206 -12.39 13.15 -1.54
C ASP A 206 -12.65 12.58 -2.92
N GLN A 207 -11.66 12.73 -3.79
CA GLN A 207 -11.73 12.18 -5.12
C GLN A 207 -11.68 10.66 -5.20
N MET A 208 -10.80 10.04 -4.42
CA MET A 208 -10.86 8.59 -4.31
C MET A 208 -12.20 8.14 -3.76
N THR A 209 -12.71 8.87 -2.77
CA THR A 209 -13.97 8.51 -2.18
C THR A 209 -15.08 8.50 -3.25
N ALA A 210 -15.16 9.54 -4.07
CA ALA A 210 -16.20 9.56 -5.10
C ALA A 210 -15.96 8.46 -6.13
N PHE A 211 -14.69 8.19 -6.44
CA PHE A 211 -14.35 7.17 -7.42
C PHE A 211 -14.79 5.80 -6.92
N PHE A 212 -14.50 5.51 -5.65
CA PHE A 212 -14.82 4.19 -5.12
C PHE A 212 -16.31 4.07 -4.80
N LYS A 213 -16.94 5.19 -4.46
CA LYS A 213 -18.40 5.23 -4.29
C LYS A 213 -19.08 4.74 -5.57
N ARG A 214 -18.63 5.26 -6.70
CA ARG A 214 -19.12 4.90 -8.02
C ARG A 214 -18.94 3.40 -8.30
N ARG A 215 -17.77 2.89 -7.96
CA ARG A 215 -17.42 1.51 -8.27
C ARG A 215 -18.20 0.55 -7.37
N ARG A 216 -18.39 0.93 -6.11
CA ARG A 216 -19.16 0.12 -5.19
C ARG A 216 -20.62 0.01 -5.62
N GLU A 217 -21.29 1.13 -5.86
CA GLU A 217 -22.65 1.09 -6.39
C GLU A 217 -22.71 0.15 -7.58
N MET A 218 -21.80 0.34 -8.53
CA MET A 218 -21.83 -0.43 -9.76
C MET A 218 -21.22 -1.82 -9.52
N ILE A 219 -21.27 -2.27 -8.27
CA ILE A 219 -21.00 -3.66 -7.90
C ILE A 219 -22.18 -4.23 -7.12
N LEU A 220 -22.65 -3.48 -6.12
CA LEU A 220 -23.85 -3.86 -5.38
C LEU A 220 -25.05 -4.09 -6.33
C1 GOL B . 8.01 -13.17 -13.98
O1 GOL B . 8.56 -14.41 -14.45
C2 GOL B . 6.76 -12.74 -14.77
O2 GOL B . 6.60 -13.50 -15.97
C3 GOL B . 5.47 -12.83 -13.95
O3 GOL B . 4.29 -12.48 -14.71
#